data_4WEV
#
_entry.id   4WEV
#
_cell.length_a   78.848
_cell.length_b   78.848
_cell.length_c   50.127
_cell.angle_alpha   90.00
_cell.angle_beta   90.00
_cell.angle_gamma   120.00
#
_symmetry.space_group_name_H-M   'P 31'
#
loop_
_entity.id
_entity.type
_entity.pdbx_description
1 polymer 'Aldo-keto reductase family 1 member B10'
2 non-polymer 'NADP NICOTINAMIDE-ADENINE-DINUCLEOTIDE PHOSPHATE'
3 non-polymer '[(1Z)-5-fluoro-2-methyl-1-{4-[methylsulfinyl]benzylidene}-1H-inden-3-yl]acetic acid'
4 water water
#
_entity_poly.entity_id   1
_entity_poly.type   'polypeptide(L)'
_entity_poly.pdbx_seq_one_letter_code
;MATFVELSTKA(MLZ)MPIVGLGTWKSPLG(MLY)V(MLZ)EAV(MLY)VAIDAGYRHIDCAYVYQNEHEVGEAIQE
(MLZ)IQE(MLY)AVKREDLFIVSKLWPTFFERPLVRKAFE(MLY)TL(MLZ)DLKLSYLDVYLIHWPQGFKSGDDLFPR
DDKGNAIGGKATFLDAWEAMEELVDEGLV(MLZ)ALGVSNFSHFQIEKLLNKPGL(MLZ)YKPVTNQVECHPYLTQEKLI
QYCHS(MLY)GITVTAYSPLGSPDRPWAKPEDPSLLEDP(MLZ)IKEIAAKH(MLY)(MLZ)TAAQVLIRFHIQRNVIVI
P(MLY)SVTPARIVENIQVFDFKLSDEEMATILSFNRNWRACNLLQSSHLEDYPFNAEY
;
_entity_poly.pdbx_strand_id   X
#
# COMPACT_ATOMS: atom_id res chain seq x y z
N MET A 1 -13.60 0.32 18.04
CA MET A 1 -12.16 0.51 18.20
C MET A 1 -11.38 0.02 16.98
N ALA A 2 -10.39 0.80 16.59
CA ALA A 2 -9.57 0.50 15.39
C ALA A 2 -8.64 -0.69 15.60
N THR A 3 -9.00 -1.82 15.00
N THR A 3 -8.96 -1.83 15.00
CA THR A 3 -8.34 -3.09 15.29
CA THR A 3 -8.26 -3.08 15.29
C THR A 3 -7.02 -3.30 14.51
C THR A 3 -6.96 -3.25 14.51
N PHE A 4 -6.33 -4.40 14.81
N PHE A 4 -6.30 -4.38 14.75
CA PHE A 4 -5.02 -4.67 14.22
CA PHE A 4 -4.98 -4.64 14.19
C PHE A 4 -4.96 -6.00 13.47
C PHE A 4 -4.92 -6.00 13.51
N VAL A 5 -3.92 -6.16 12.65
CA VAL A 5 -3.57 -7.46 12.11
C VAL A 5 -2.17 -7.74 12.65
N GLU A 6 -2.00 -8.88 13.29
CA GLU A 6 -0.70 -9.21 13.84
C GLU A 6 0.25 -9.67 12.74
N LEU A 7 1.45 -9.10 12.71
CA LEU A 7 2.45 -9.50 11.74
C LEU A 7 3.29 -10.68 12.24
N SER A 8 4.12 -11.23 11.38
CA SER A 8 4.95 -12.38 11.76
C SER A 8 5.98 -12.01 12.83
N THR A 9 6.27 -10.71 12.94
CA THR A 9 7.22 -10.17 13.90
C THR A 9 6.54 -9.90 15.24
N LYS A 10 5.24 -10.21 15.29
CA LYS A 10 4.36 -9.92 16.44
C LYS A 10 3.99 -8.43 16.60
N ALA A 11 4.50 -7.57 15.73
CA ALA A 11 4.06 -6.17 15.73
C ALA A 11 2.61 -6.09 15.30
N MET A 13 -0.18 -4.21 13.24
CA MET A 13 -0.37 -3.23 12.17
C MET A 13 -1.83 -2.83 12.13
N PRO A 14 -2.11 -1.53 12.33
CA PRO A 14 -3.51 -1.09 12.33
C PRO A 14 -4.18 -1.42 11.00
N ILE A 15 -5.40 -1.91 11.04
CA ILE A 15 -6.01 -2.53 9.87
C ILE A 15 -6.55 -1.51 8.88
N VAL A 16 -6.76 -0.29 9.36
CA VAL A 16 -7.06 0.82 8.47
C VAL A 16 -5.92 1.82 8.58
N GLY A 17 -5.44 2.27 7.43
CA GLY A 17 -4.41 3.28 7.41
C GLY A 17 -4.81 4.39 6.45
N LEU A 18 -4.09 5.50 6.54
CA LEU A 18 -4.31 6.62 5.64
C LEU A 18 -3.35 6.56 4.47
N GLY A 19 -3.89 6.50 3.27
CA GLY A 19 -3.07 6.58 2.07
C GLY A 19 -2.71 8.02 1.76
N THR A 20 -1.57 8.24 1.10
CA THR A 20 -1.09 9.61 0.87
C THR A 20 -0.67 9.85 -0.58
N TRP A 21 -0.92 8.90 -1.48
CA TRP A 21 -0.58 9.17 -2.88
C TRP A 21 -1.43 10.29 -3.47
N LYS A 22 -0.74 11.28 -4.05
CA LYS A 22 -1.40 12.44 -4.67
C LYS A 22 -2.10 13.34 -3.68
N SER A 23 -1.80 13.16 -2.39
CA SER A 23 -2.26 14.15 -1.43
C SER A 23 -1.39 15.39 -1.54
N PRO A 24 -1.99 16.51 -1.95
CA PRO A 24 -1.17 17.67 -2.34
C PRO A 24 -0.50 18.32 -1.15
N LEU A 25 0.64 18.96 -1.40
CA LEU A 25 1.25 19.80 -0.38
C LEU A 25 0.26 20.92 -0.08
N GLY A 26 0.06 21.21 1.20
CA GLY A 26 -0.94 22.20 1.59
C GLY A 26 -2.24 21.53 1.99
N VAL A 28 -1.92 17.67 2.62
CA VAL A 28 -1.55 16.39 3.23
C VAL A 28 -1.19 16.54 4.73
N GLU A 30 -2.60 18.62 6.82
CA GLU A 30 -3.87 18.69 7.53
C GLU A 30 -4.60 17.35 7.49
N ALA A 31 -4.43 16.62 6.39
CA ALA A 31 -5.04 15.29 6.28
C ALA A 31 -4.50 14.34 7.34
N VAL A 32 -3.18 14.34 7.53
CA VAL A 32 -2.57 13.50 8.54
C VAL A 32 -2.98 13.93 9.96
N VAL A 34 -5.85 15.49 10.84
CA VAL A 34 -7.23 15.08 11.03
C VAL A 34 -7.33 13.56 11.23
N ALA A 35 -6.52 12.82 10.47
CA ALA A 35 -6.53 11.38 10.60
C ALA A 35 -6.12 10.91 11.99
N ILE A 36 -5.01 11.45 12.47
CA ILE A 36 -4.55 11.11 13.81
C ILE A 36 -5.60 11.47 14.87
N ASP A 37 -6.24 12.63 14.71
CA ASP A 37 -7.30 13.02 15.65
C ASP A 37 -8.47 12.06 15.58
N ALA A 38 -8.74 11.54 14.38
CA ALA A 38 -9.85 10.62 14.17
C ALA A 38 -9.50 9.19 14.59
N GLY A 39 -8.27 8.99 15.06
CA GLY A 39 -7.90 7.67 15.54
C GLY A 39 -7.03 6.85 14.59
N TYR A 40 -6.68 7.39 13.43
CA TYR A 40 -5.76 6.66 12.57
C TYR A 40 -4.40 6.61 13.26
N ARG A 41 -3.70 5.50 13.07
CA ARG A 41 -2.35 5.34 13.60
C ARG A 41 -1.37 4.92 12.48
N HIS A 42 -1.93 4.29 11.45
CA HIS A 42 -1.17 3.75 10.33
C HIS A 42 -1.26 4.75 9.19
N ILE A 43 -0.10 5.18 8.70
CA ILE A 43 0.00 6.10 7.57
C ILE A 43 0.88 5.45 6.53
N ASP A 44 0.35 5.37 5.31
CA ASP A 44 1.08 4.79 4.18
C ASP A 44 1.67 5.87 3.32
N CYS A 45 2.99 5.82 3.15
CA CYS A 45 3.77 6.86 2.52
C CYS A 45 4.65 6.26 1.45
N ALA A 46 5.29 7.12 0.67
CA ALA A 46 6.29 6.68 -0.29
C ALA A 46 7.19 7.79 -0.73
N TYR A 47 8.44 7.43 -0.99
CA TYR A 47 9.40 8.32 -1.66
C TYR A 47 8.81 8.96 -2.92
N VAL A 48 8.17 8.15 -3.76
CA VAL A 48 7.75 8.61 -5.08
C VAL A 48 6.56 9.59 -4.99
N TYR A 49 5.89 9.66 -3.83
CA TYR A 49 4.76 10.58 -3.70
C TYR A 49 5.25 12.02 -3.50
N GLN A 50 6.52 12.17 -3.13
CA GLN A 50 7.16 13.49 -3.01
C GLN A 50 6.44 14.43 -2.05
N ASN A 51 5.85 13.85 -1.02
CA ASN A 51 5.16 14.64 0.00
C ASN A 51 5.51 14.19 1.42
N GLU A 52 6.51 13.32 1.54
CA GLU A 52 6.89 12.79 2.84
C GLU A 52 7.34 13.86 3.82
N HIS A 53 7.93 14.94 3.30
CA HIS A 53 8.38 16.02 4.17
C HIS A 53 7.19 16.70 4.82
N GLU A 54 6.09 16.78 4.08
CA GLU A 54 4.89 17.37 4.74
CA GLU A 54 4.97 17.41 4.78
C GLU A 54 4.25 16.40 5.66
N VAL A 55 4.16 15.12 5.31
CA VAL A 55 3.65 14.10 6.24
C VAL A 55 4.46 14.12 7.53
N GLY A 56 5.78 14.23 7.41
CA GLY A 56 6.64 14.28 8.57
C GLY A 56 6.36 15.45 9.49
N GLU A 57 6.08 16.58 8.92
CA GLU A 57 5.68 17.75 9.69
C GLU A 57 4.43 17.50 10.52
N ALA A 58 3.45 16.89 9.93
CA ALA A 58 2.17 16.63 10.61
C ALA A 58 2.35 15.65 11.77
N ILE A 59 3.10 14.57 11.51
CA ILE A 59 3.38 13.58 12.54
C ILE A 59 4.11 14.24 13.71
N GLN A 60 5.12 15.03 13.40
CA GLN A 60 5.91 15.71 14.43
C GLN A 60 5.03 16.62 15.27
N GLU A 61 4.11 17.33 14.61
CA GLU A 61 3.18 18.22 15.31
C GLU A 61 2.34 17.47 16.33
N ILE A 63 2.78 14.50 17.69
CA ILE A 63 3.57 13.91 18.76
C ILE A 63 3.93 14.97 19.79
N GLN A 64 4.39 16.13 19.34
N GLN A 64 4.40 16.12 19.29
CA GLN A 64 4.78 17.16 20.31
CA GLN A 64 4.75 17.25 20.12
C GLN A 64 3.59 17.81 21.01
C GLN A 64 3.59 17.67 21.01
N GLU A 65 2.41 17.72 20.41
CA GLU A 65 1.19 18.17 21.06
C GLU A 65 0.56 17.13 21.97
N ALA A 67 -0.83 14.45 21.20
CA ALA A 67 -1.98 13.77 20.59
C ALA A 67 -1.73 12.28 20.43
N VAL A 68 -0.47 11.90 20.27
CA VAL A 68 -0.10 10.53 19.99
C VAL A 68 1.38 10.37 20.37
N LYS A 69 1.78 9.14 20.65
CA LYS A 69 3.17 8.80 20.93
C LYS A 69 3.72 8.07 19.71
N ARG A 70 5.02 8.19 19.45
CA ARG A 70 5.60 7.56 18.26
C ARG A 70 5.33 6.06 18.24
N GLU A 71 5.42 5.42 19.41
CA GLU A 71 5.25 3.97 19.53
C GLU A 71 3.88 3.49 19.09
N ASP A 72 2.90 4.40 19.11
CA ASP A 72 1.55 4.01 18.75
C ASP A 72 1.23 4.28 17.28
N LEU A 73 2.15 4.97 16.60
CA LEU A 73 2.02 5.20 15.18
C LEU A 73 2.63 4.03 14.42
N PHE A 74 2.18 3.84 13.19
CA PHE A 74 2.66 2.76 12.36
C PHE A 74 2.90 3.35 10.98
N ILE A 75 4.16 3.66 10.72
CA ILE A 75 4.52 4.42 9.54
C ILE A 75 5.19 3.52 8.50
N VAL A 76 4.62 3.50 7.30
CA VAL A 76 5.12 2.67 6.22
C VAL A 76 5.62 3.54 5.09
N SER A 77 6.78 3.24 4.54
CA SER A 77 7.18 3.87 3.29
C SER A 77 7.71 2.82 2.36
N LYS A 78 8.16 3.26 1.20
CA LYS A 78 8.47 2.35 0.11
C LYS A 78 9.69 2.80 -0.66
N LEU A 79 10.48 1.82 -1.07
CA LEU A 79 11.66 2.03 -1.89
C LEU A 79 11.27 1.97 -3.36
N TRP A 80 11.53 3.05 -4.09
CA TRP A 80 11.21 3.14 -5.51
C TRP A 80 12.26 2.41 -6.34
N PRO A 81 11.85 1.78 -7.45
CA PRO A 81 12.79 0.86 -8.12
C PRO A 81 13.90 1.50 -8.94
N THR A 82 14.03 2.82 -8.90
CA THR A 82 15.23 3.44 -9.46
C THR A 82 16.38 3.41 -8.45
N PHE A 83 16.12 2.85 -7.27
CA PHE A 83 17.07 2.87 -6.18
C PHE A 83 17.41 1.46 -5.70
N PHE A 84 17.39 0.49 -6.60
CA PHE A 84 17.65 -0.90 -6.18
C PHE A 84 19.13 -1.20 -5.99
N GLU A 85 20.01 -0.41 -6.59
CA GLU A 85 21.43 -0.62 -6.35
C GLU A 85 21.75 -0.29 -4.89
N ARG A 86 22.57 -1.14 -4.26
CA ARG A 86 22.82 -1.06 -2.83
C ARG A 86 23.05 0.34 -2.23
N PRO A 87 23.97 1.14 -2.81
CA PRO A 87 24.21 2.44 -2.19
C PRO A 87 23.01 3.37 -2.32
N LEU A 88 22.24 3.20 -3.38
CA LEU A 88 21.04 4.01 -3.58
C LEU A 88 19.91 3.62 -2.64
N VAL A 89 19.84 2.37 -2.23
CA VAL A 89 18.81 1.98 -1.25
C VAL A 89 18.98 2.78 0.02
N ARG A 90 20.22 2.86 0.51
CA ARG A 90 20.51 3.59 1.74
C ARG A 90 20.19 5.07 1.57
N LYS A 91 20.62 5.66 0.45
CA LYS A 91 20.41 7.09 0.20
C LYS A 91 18.93 7.42 0.05
N ALA A 92 18.20 6.58 -0.67
CA ALA A 92 16.76 6.77 -0.81
C ALA A 92 16.07 6.64 0.53
N PHE A 93 16.42 5.61 1.29
CA PHE A 93 15.87 5.46 2.62
C PHE A 93 16.17 6.66 3.51
N GLU A 94 17.41 7.13 3.49
CA GLU A 94 17.79 8.25 4.34
C GLU A 94 16.96 9.50 4.04
N THR A 96 13.83 9.49 2.69
CA THR A 96 12.52 9.18 3.25
C THR A 96 12.46 9.41 4.77
N LEU A 97 13.43 8.86 5.50
CA LEU A 97 13.42 8.98 6.95
C LEU A 97 13.61 10.43 7.40
N ASP A 99 12.89 13.14 5.62
CA ASP A 99 11.67 13.85 5.25
C ASP A 99 10.58 13.58 6.28
N LEU A 100 10.44 12.32 6.70
CA LEU A 100 9.37 11.98 7.64
C LEU A 100 9.68 12.43 9.07
N LYS A 101 10.91 12.90 9.29
CA LYS A 101 11.38 13.39 10.59
C LYS A 101 11.27 12.31 11.67
N LEU A 102 11.50 11.07 11.26
CA LEU A 102 11.41 9.92 12.14
C LEU A 102 12.78 9.33 12.42
N SER A 103 12.84 8.52 13.47
CA SER A 103 14.07 7.81 13.82
C SER A 103 14.05 6.37 13.30
N TYR A 104 12.85 5.91 12.95
CA TYR A 104 12.68 4.58 12.38
C TYR A 104 11.37 4.51 11.61
N LEU A 105 11.27 3.54 10.70
CA LEU A 105 10.01 3.22 10.04
C LEU A 105 9.49 1.92 10.60
N ASP A 106 8.17 1.76 10.65
CA ASP A 106 7.64 0.49 11.08
C ASP A 106 7.74 -0.57 9.99
N VAL A 107 7.43 -0.18 8.75
CA VAL A 107 7.64 -1.09 7.64
C VAL A 107 8.21 -0.35 6.44
N TYR A 108 9.15 -0.98 5.75
CA TYR A 108 9.72 -0.42 4.52
C TYR A 108 9.49 -1.44 3.41
N LEU A 109 8.79 -1.00 2.36
CA LEU A 109 8.39 -1.91 1.26
C LEU A 109 9.19 -1.71 0.01
N ILE A 110 9.42 -2.79 -0.73
N ILE A 110 9.39 -2.80 -0.74
CA ILE A 110 9.78 -2.66 -2.13
CA ILE A 110 9.77 -2.67 -2.14
C ILE A 110 8.53 -2.24 -2.87
C ILE A 110 8.52 -2.25 -2.88
N HIS A 111 8.56 -1.09 -3.54
CA HIS A 111 7.35 -0.52 -4.13
C HIS A 111 6.83 -1.30 -5.33
N TRP A 112 7.76 -1.75 -6.17
CA TRP A 112 7.45 -2.57 -7.34
C TRP A 112 8.59 -3.55 -7.52
N PRO A 113 8.29 -4.75 -8.01
CA PRO A 113 9.37 -5.73 -8.12
C PRO A 113 10.37 -5.46 -9.26
N GLN A 114 9.91 -4.85 -10.34
CA GLN A 114 10.77 -4.64 -11.50
C GLN A 114 11.73 -3.46 -11.27
N GLY A 115 13.01 -3.66 -11.58
CA GLY A 115 13.97 -2.58 -11.44
C GLY A 115 13.90 -1.60 -12.60
N PHE A 116 14.03 -0.31 -12.28
CA PHE A 116 14.09 0.73 -13.29
C PHE A 116 15.52 1.24 -13.39
N LYS A 117 15.82 2.00 -14.42
CA LYS A 117 17.12 2.58 -14.59
C LYS A 117 17.51 3.36 -13.33
N SER A 118 18.68 3.02 -12.81
N SER A 118 18.67 3.02 -12.81
CA SER A 118 19.10 3.55 -11.53
CA SER A 118 19.08 3.56 -11.53
C SER A 118 19.37 5.04 -11.55
C SER A 118 19.36 5.05 -11.57
N GLY A 119 18.90 5.73 -10.52
CA GLY A 119 19.17 7.15 -10.37
C GLY A 119 17.97 7.93 -9.88
N ASP A 120 18.05 9.24 -10.06
CA ASP A 120 17.03 10.13 -9.52
C ASP A 120 16.03 10.62 -10.56
N ASP A 121 16.08 10.05 -11.76
CA ASP A 121 14.96 10.14 -12.67
C ASP A 121 14.00 9.04 -12.24
N LEU A 122 12.89 9.41 -11.61
CA LEU A 122 11.99 8.42 -11.04
C LEU A 122 11.21 7.67 -12.10
N PHE A 123 11.02 8.32 -13.24
CA PHE A 123 10.27 7.72 -14.34
C PHE A 123 11.07 7.72 -15.63
N PRO A 124 12.17 6.95 -15.66
CA PRO A 124 12.95 6.85 -16.88
C PRO A 124 12.14 6.10 -17.93
N ARG A 125 11.95 6.71 -19.10
CA ARG A 125 11.10 6.09 -20.10
C ARG A 125 11.53 6.42 -21.51
N ASP A 126 11.17 5.57 -22.45
CA ASP A 126 11.52 5.80 -23.86
C ASP A 126 10.57 6.82 -24.49
N ASP A 127 10.60 6.94 -25.82
CA ASP A 127 9.77 7.92 -26.52
C ASP A 127 8.29 7.59 -26.43
N LYS A 128 7.99 6.31 -26.27
CA LYS A 128 6.62 5.84 -26.26
C LYS A 128 6.07 5.86 -24.84
N GLY A 129 6.94 6.18 -23.89
CA GLY A 129 6.55 6.22 -22.48
C GLY A 129 6.83 4.92 -21.74
N ASN A 130 7.45 3.95 -22.42
CA ASN A 130 7.77 2.67 -21.78
C ASN A 130 8.92 2.83 -20.79
N ALA A 131 8.78 2.23 -19.60
CA ALA A 131 9.80 2.31 -18.57
C ALA A 131 11.11 1.73 -19.05
N ILE A 132 12.20 2.39 -18.67
CA ILE A 132 13.53 1.90 -18.94
C ILE A 132 13.98 1.07 -17.73
N GLY A 133 14.35 -0.17 -17.98
CA GLY A 133 14.77 -1.06 -16.92
C GLY A 133 16.17 -0.80 -16.41
N GLY A 134 16.46 -1.35 -15.24
CA GLY A 134 17.80 -1.32 -14.67
C GLY A 134 18.17 -2.74 -14.31
N LYS A 135 19.44 -3.03 -14.17
CA LYS A 135 19.86 -4.41 -13.94
C LYS A 135 19.78 -4.86 -12.48
N ALA A 136 19.80 -3.92 -11.55
CA ALA A 136 19.63 -4.28 -10.13
C ALA A 136 18.23 -4.82 -9.93
N THR A 137 18.11 -5.86 -9.10
CA THR A 137 16.84 -6.56 -8.92
C THR A 137 16.27 -6.33 -7.54
N PHE A 138 15.05 -6.80 -7.31
CA PHE A 138 14.45 -6.63 -6.00
C PHE A 138 15.20 -7.42 -4.92
N LEU A 139 15.96 -8.42 -5.33
CA LEU A 139 16.76 -9.17 -4.37
C LEU A 139 17.99 -8.37 -3.97
N ASP A 140 18.56 -7.63 -4.91
CA ASP A 140 19.64 -6.71 -4.56
C ASP A 140 19.11 -5.68 -3.57
N ALA A 141 17.92 -5.16 -3.85
CA ALA A 141 17.34 -4.14 -2.98
C ALA A 141 17.10 -4.72 -1.60
N TRP A 142 16.55 -5.92 -1.56
CA TRP A 142 16.21 -6.54 -0.29
C TRP A 142 17.44 -6.68 0.60
N GLU A 143 18.55 -7.07 -0.03
CA GLU A 143 19.82 -7.25 0.67
C GLU A 143 20.19 -5.97 1.42
N ALA A 144 20.11 -4.84 0.71
CA ALA A 144 20.41 -3.56 1.32
C ALA A 144 19.38 -3.17 2.39
N MET A 145 18.12 -3.49 2.13
CA MET A 145 17.08 -3.16 3.08
C MET A 145 17.22 -3.93 4.39
N GLU A 146 17.75 -5.15 4.30
CA GLU A 146 17.95 -5.97 5.50
C GLU A 146 18.91 -5.30 6.49
N GLU A 147 19.84 -4.52 5.97
CA GLU A 147 20.76 -3.77 6.83
C GLU A 147 20.01 -2.77 7.69
N LEU A 148 18.98 -2.14 7.11
CA LEU A 148 18.19 -1.17 7.85
C LEU A 148 17.51 -1.80 9.05
N VAL A 149 17.10 -3.06 8.90
CA VAL A 149 16.46 -3.78 9.99
C VAL A 149 17.53 -4.17 11.03
N ASP A 150 18.70 -4.61 10.56
CA ASP A 150 19.80 -4.93 11.49
C ASP A 150 20.09 -3.72 12.38
N GLU A 151 20.01 -2.52 11.79
CA GLU A 151 20.40 -1.29 12.45
C GLU A 151 19.29 -0.65 13.27
N GLY A 152 18.09 -1.21 13.23
CA GLY A 152 16.97 -0.69 13.97
C GLY A 152 16.28 0.50 13.33
N LEU A 153 16.67 0.81 12.08
CA LEU A 153 16.10 1.93 11.37
C LEU A 153 14.73 1.59 10.77
N VAL A 154 14.50 0.29 10.59
CA VAL A 154 13.24 -0.23 10.05
C VAL A 154 12.87 -1.46 10.86
N ALA A 156 10.43 -3.75 10.15
CA ALA A 156 10.10 -4.89 9.31
C ALA A 156 10.10 -4.49 7.84
N LEU A 157 10.36 -5.46 6.99
CA LEU A 157 10.34 -5.24 5.55
C LEU A 157 9.09 -5.87 4.96
N GLY A 158 8.68 -5.36 3.81
CA GLY A 158 7.62 -6.00 3.05
C GLY A 158 7.75 -5.73 1.56
N VAL A 159 6.77 -6.17 0.79
CA VAL A 159 6.80 -6.02 -0.65
C VAL A 159 5.49 -5.40 -1.10
N SER A 160 5.48 -4.95 -2.35
CA SER A 160 4.29 -4.37 -2.92
C SER A 160 4.25 -4.71 -4.40
N ASN A 161 3.05 -5.04 -4.89
CA ASN A 161 2.84 -5.44 -6.28
C ASN A 161 3.64 -6.66 -6.66
N PHE A 162 3.83 -7.56 -5.70
CA PHE A 162 4.51 -8.81 -6.02
C PHE A 162 3.48 -9.89 -6.31
N SER A 163 3.77 -10.70 -7.32
CA SER A 163 2.98 -11.90 -7.55
C SER A 163 3.46 -13.00 -6.63
N HIS A 164 2.74 -14.11 -6.57
CA HIS A 164 3.21 -15.20 -5.71
C HIS A 164 4.54 -15.79 -6.18
N PHE A 165 4.82 -15.72 -7.48
CA PHE A 165 6.11 -16.21 -7.98
C PHE A 165 7.25 -15.37 -7.42
N GLN A 166 7.05 -14.06 -7.37
CA GLN A 166 8.10 -13.17 -6.87
C GLN A 166 8.29 -13.30 -5.37
N ILE A 167 7.19 -13.52 -4.66
CA ILE A 167 7.30 -13.78 -3.23
C ILE A 167 8.03 -15.10 -2.98
N GLU A 168 7.71 -16.11 -3.77
CA GLU A 168 8.45 -17.37 -3.70
C GLU A 168 9.93 -17.16 -3.95
N LYS A 169 10.26 -16.35 -4.96
CA LYS A 169 11.66 -16.07 -5.27
C LYS A 169 12.35 -15.42 -4.07
N LEU A 170 11.63 -14.57 -3.36
CA LEU A 170 12.16 -13.92 -2.18
C LEU A 170 12.30 -14.89 -0.99
N LEU A 171 11.23 -15.64 -0.70
CA LEU A 171 11.24 -16.53 0.46
C LEU A 171 12.27 -17.65 0.30
N ASN A 172 12.47 -18.11 -0.93
CA ASN A 172 13.36 -19.21 -1.20
C ASN A 172 14.79 -18.76 -1.47
N LYS A 173 15.05 -17.47 -1.34
CA LYS A 173 16.40 -16.96 -1.56
C LYS A 173 17.30 -17.49 -0.47
N PRO A 174 18.37 -18.18 -0.86
CA PRO A 174 19.28 -18.73 0.14
C PRO A 174 19.98 -17.59 0.86
N GLY A 175 19.98 -17.62 2.18
CA GLY A 175 20.69 -16.60 2.92
C GLY A 175 19.83 -15.42 3.30
N LEU A 176 18.51 -15.59 3.18
CA LEU A 176 17.56 -14.55 3.55
C LEU A 176 17.60 -14.30 5.06
N TYR A 178 15.52 -11.56 6.68
CA TYR A 178 14.19 -11.13 7.09
C TYR A 178 13.15 -11.46 6.04
N LYS A 179 11.96 -11.84 6.49
CA LYS A 179 10.89 -12.19 5.57
C LYS A 179 9.94 -11.01 5.42
N PRO A 180 9.25 -10.91 4.27
CA PRO A 180 8.29 -9.81 4.13
C PRO A 180 7.10 -9.99 5.07
N VAL A 181 6.67 -8.93 5.74
CA VAL A 181 5.53 -9.03 6.64
C VAL A 181 4.20 -8.70 5.96
N THR A 182 4.25 -8.07 4.80
CA THR A 182 3.05 -7.75 4.05
C THR A 182 3.36 -7.66 2.57
N ASN A 183 2.32 -7.86 1.76
CA ASN A 183 2.36 -7.59 0.34
C ASN A 183 1.27 -6.59 0.10
N GLN A 184 1.66 -5.37 -0.27
CA GLN A 184 0.70 -4.32 -0.55
C GLN A 184 0.31 -4.34 -2.02
N VAL A 185 -0.94 -4.70 -2.29
CA VAL A 185 -1.42 -4.85 -3.67
C VAL A 185 -2.79 -4.20 -3.80
N GLU A 186 -3.17 -3.93 -5.03
CA GLU A 186 -4.50 -3.41 -5.32
C GLU A 186 -5.52 -4.47 -4.93
N CYS A 187 -6.60 -4.06 -4.27
CA CYS A 187 -7.60 -5.03 -3.90
C CYS A 187 -8.90 -4.31 -3.58
N HIS A 188 -9.98 -4.83 -4.14
CA HIS A 188 -11.31 -4.26 -4.00
C HIS A 188 -12.25 -5.26 -4.68
N PRO A 189 -13.56 -4.99 -4.69
CA PRO A 189 -14.44 -6.02 -5.24
C PRO A 189 -14.26 -6.34 -6.74
N TYR A 190 -13.56 -5.51 -7.51
CA TYR A 190 -13.35 -5.83 -8.93
C TYR A 190 -12.03 -6.58 -9.13
N LEU A 191 -11.25 -6.69 -8.06
CA LEU A 191 -9.95 -7.36 -8.09
C LEU A 191 -9.78 -7.93 -6.69
N THR A 192 -10.46 -9.07 -6.47
N THR A 192 -10.46 -9.05 -6.45
CA THR A 192 -10.61 -9.60 -5.13
CA THR A 192 -10.58 -9.55 -5.10
C THR A 192 -9.38 -10.34 -4.60
C THR A 192 -9.37 -10.31 -4.59
N GLN A 193 -8.45 -10.65 -5.49
CA GLN A 193 -7.16 -11.23 -5.12
C GLN A 193 -7.26 -12.51 -4.30
N GLU A 194 -8.24 -13.36 -4.60
CA GLU A 194 -8.45 -14.54 -3.76
C GLU A 194 -7.23 -15.45 -3.68
N LYS A 195 -6.64 -15.77 -4.83
CA LYS A 195 -5.49 -16.68 -4.84
C LYS A 195 -4.26 -16.04 -4.17
N LEU A 196 -4.02 -14.77 -4.43
CA LEU A 196 -2.86 -14.11 -3.86
C LEU A 196 -3.00 -13.94 -2.35
N ILE A 197 -4.19 -13.61 -1.88
CA ILE A 197 -4.41 -13.50 -0.45
C ILE A 197 -4.22 -14.85 0.25
N GLN A 198 -4.79 -15.90 -0.34
CA GLN A 198 -4.64 -17.24 0.21
C GLN A 198 -3.17 -17.62 0.30
N TYR A 199 -2.42 -17.33 -0.76
CA TYR A 199 -1.00 -17.65 -0.81
C TYR A 199 -0.26 -16.89 0.29
N CYS A 200 -0.46 -15.58 0.32
CA CYS A 200 0.26 -14.76 1.28
C CYS A 200 -0.03 -15.20 2.70
N HIS A 201 -1.30 -15.40 3.01
CA HIS A 201 -1.68 -15.82 4.35
C HIS A 201 -1.05 -17.16 4.70
N SER A 202 -0.95 -18.05 3.71
CA SER A 202 -0.34 -19.38 3.95
C SER A 202 1.14 -19.27 4.32
N GLY A 204 2.37 -16.64 6.12
CA GLY A 204 2.49 -15.71 7.24
C GLY A 204 2.72 -14.27 6.80
N ILE A 205 2.26 -13.96 5.59
CA ILE A 205 2.42 -12.63 5.02
C ILE A 205 1.05 -11.98 4.97
N THR A 206 0.91 -10.81 5.58
CA THR A 206 -0.37 -10.11 5.52
C THR A 206 -0.51 -9.47 4.15
N VAL A 207 -1.73 -9.02 3.84
CA VAL A 207 -1.97 -8.26 2.62
C VAL A 207 -2.49 -6.89 3.01
N THR A 208 -1.96 -5.87 2.32
CA THR A 208 -2.46 -4.52 2.45
C THR A 208 -3.10 -4.13 1.12
N ALA A 209 -4.39 -3.79 1.18
CA ALA A 209 -5.18 -3.43 0.03
C ALA A 209 -5.03 -1.95 -0.29
N TYR A 210 -4.45 -1.66 -1.44
CA TYR A 210 -4.42 -0.30 -1.91
C TYR A 210 -5.53 -0.05 -2.93
N SER A 211 -5.77 1.23 -3.21
CA SER A 211 -6.87 1.64 -4.09
C SER A 211 -8.20 0.94 -3.76
N PRO A 212 -8.58 0.91 -2.46
CA PRO A 212 -9.79 0.15 -2.10
C PRO A 212 -11.07 0.80 -2.60
N LEU A 213 -11.00 2.08 -2.96
CA LEU A 213 -12.17 2.78 -3.48
C LEU A 213 -12.09 2.82 -5.01
N GLY A 214 -11.11 2.13 -5.58
CA GLY A 214 -10.94 2.09 -7.02
C GLY A 214 -10.14 3.27 -7.56
N SER A 215 -9.51 4.03 -6.66
CA SER A 215 -8.68 5.16 -7.05
C SER A 215 -9.33 6.08 -8.09
N PRO A 216 -10.49 6.66 -7.75
CA PRO A 216 -11.24 7.43 -8.76
C PRO A 216 -10.52 8.66 -9.32
N ASP A 217 -9.48 9.16 -8.65
CA ASP A 217 -8.76 10.31 -9.18
C ASP A 217 -7.43 10.00 -9.86
N ARG A 218 -7.19 8.73 -10.15
CA ARG A 218 -5.96 8.33 -10.85
C ARG A 218 -5.88 9.06 -12.20
N PRO A 219 -4.70 9.60 -12.53
CA PRO A 219 -4.49 10.45 -13.71
C PRO A 219 -4.82 9.77 -15.05
N TRP A 220 -4.84 8.43 -15.08
CA TRP A 220 -5.04 7.70 -16.33
C TRP A 220 -6.42 7.07 -16.47
N ALA A 221 -7.31 7.42 -15.59
CA ALA A 221 -8.64 6.90 -15.70
C ALA A 221 -9.19 7.03 -17.13
N LYS A 222 -10.06 6.10 -17.49
CA LYS A 222 -10.78 6.11 -18.76
C LYS A 222 -12.25 5.96 -18.46
N PRO A 223 -13.07 6.86 -18.99
CA PRO A 223 -14.49 6.90 -18.72
C PRO A 223 -15.23 5.60 -18.88
N GLU A 224 -14.70 4.64 -19.57
CA GLU A 224 -15.34 3.31 -19.58
C GLU A 224 -14.90 2.41 -18.41
N ASP A 225 -13.88 2.84 -17.67
CA ASP A 225 -13.47 2.15 -16.45
C ASP A 225 -14.62 2.08 -15.47
N PRO A 226 -14.75 0.95 -14.75
CA PRO A 226 -15.83 0.79 -13.78
C PRO A 226 -15.60 1.70 -12.56
N SER A 227 -16.68 1.99 -11.85
N SER A 227 -16.68 2.01 -11.86
CA SER A 227 -16.63 2.87 -10.69
CA SER A 227 -16.63 2.88 -10.70
C SER A 227 -17.28 2.21 -9.48
C SER A 227 -17.27 2.19 -9.50
N LEU A 228 -16.45 1.75 -8.55
CA LEU A 228 -16.95 1.08 -7.34
C LEU A 228 -17.93 1.94 -6.54
N LEU A 229 -17.60 3.22 -6.35
CA LEU A 229 -18.40 4.07 -5.49
C LEU A 229 -19.80 4.29 -6.04
N GLU A 230 -19.95 4.17 -7.36
N GLU A 230 -19.93 4.16 -7.37
CA GLU A 230 -21.25 4.40 -7.98
CA GLU A 230 -21.21 4.39 -8.04
C GLU A 230 -21.94 3.09 -8.35
C GLU A 230 -21.95 3.09 -8.32
N ASP A 231 -21.29 1.97 -8.04
CA ASP A 231 -21.85 0.65 -8.37
C ASP A 231 -23.14 0.41 -7.58
N PRO A 232 -24.26 0.25 -8.29
CA PRO A 232 -25.55 0.05 -7.62
C PRO A 232 -25.56 -1.12 -6.62
N ILE A 234 -22.94 -2.31 -4.90
CA ILE A 234 -22.19 -1.91 -3.72
C ILE A 234 -23.07 -0.96 -2.89
N LYS A 235 -23.70 -0.01 -3.58
CA LYS A 235 -24.59 0.97 -2.94
C LYS A 235 -25.75 0.31 -2.20
N GLU A 236 -26.28 -0.77 -2.77
CA GLU A 236 -27.36 -1.52 -2.15
C GLU A 236 -26.96 -2.05 -0.77
N ILE A 237 -25.74 -2.59 -0.69
CA ILE A 237 -25.23 -3.13 0.56
C ILE A 237 -24.97 -2.00 1.56
N ALA A 238 -24.44 -0.88 1.06
CA ALA A 238 -24.26 0.30 1.90
C ALA A 238 -25.58 0.76 2.49
N ALA A 239 -26.60 0.87 1.64
CA ALA A 239 -27.93 1.28 2.11
C ALA A 239 -28.47 0.36 3.20
N LYS A 240 -28.22 -0.93 3.04
CA LYS A 240 -28.70 -1.95 3.98
C LYS A 240 -28.22 -1.66 5.41
N HIS A 241 -27.03 -1.07 5.52
CA HIS A 241 -26.44 -0.76 6.82
C HIS A 241 -26.50 0.72 7.18
N THR A 244 -22.04 4.35 3.93
CA THR A 244 -21.68 4.80 2.57
C THR A 244 -21.00 3.67 1.82
N ALA A 245 -20.95 3.81 0.51
CA ALA A 245 -20.27 2.83 -0.32
C ALA A 245 -18.81 2.66 0.10
N ALA A 246 -18.15 3.78 0.40
CA ALA A 246 -16.75 3.75 0.80
C ALA A 246 -16.59 2.91 2.08
N GLN A 247 -17.50 3.10 3.03
CA GLN A 247 -17.42 2.31 4.27
C GLN A 247 -17.60 0.81 4.01
N VAL A 248 -18.51 0.44 3.12
CA VAL A 248 -18.62 -0.96 2.72
C VAL A 248 -17.33 -1.49 2.09
N LEU A 249 -16.76 -0.69 1.19
CA LEU A 249 -15.55 -1.06 0.47
C LEU A 249 -14.38 -1.26 1.41
N ILE A 250 -14.35 -0.49 2.48
CA ILE A 250 -13.28 -0.59 3.47
C ILE A 250 -13.53 -1.78 4.41
N ARG A 251 -14.75 -1.89 4.92
CA ARG A 251 -15.14 -2.98 5.80
C ARG A 251 -14.94 -4.35 5.14
N PHE A 252 -15.14 -4.42 3.83
CA PHE A 252 -14.89 -5.62 3.07
C PHE A 252 -13.52 -6.23 3.37
N HIS A 253 -12.49 -5.40 3.37
CA HIS A 253 -11.15 -5.90 3.63
C HIS A 253 -10.95 -6.30 5.07
N ILE A 254 -11.48 -5.50 5.98
CA ILE A 254 -11.39 -5.77 7.40
C ILE A 254 -11.90 -7.18 7.70
N GLN A 255 -12.99 -7.56 7.03
CA GLN A 255 -13.58 -8.87 7.31
C GLN A 255 -12.82 -10.04 6.69
N ARG A 256 -11.85 -9.74 5.83
CA ARG A 256 -10.95 -10.74 5.29
C ARG A 256 -9.60 -10.69 6.02
N ASN A 257 -9.54 -9.91 7.08
CA ASN A 257 -8.31 -9.67 7.85
C ASN A 257 -7.20 -9.12 6.96
N VAL A 258 -7.62 -8.27 6.02
CA VAL A 258 -6.72 -7.57 5.12
C VAL A 258 -6.65 -6.09 5.49
N ILE A 259 -5.43 -5.58 5.66
CA ILE A 259 -5.20 -4.18 6.00
C ILE A 259 -5.60 -3.35 4.78
N VAL A 260 -6.11 -2.15 5.01
CA VAL A 260 -6.66 -1.35 3.91
C VAL A 260 -6.31 0.11 4.13
N ILE A 261 -5.92 0.79 3.06
CA ILE A 261 -5.32 2.13 3.18
C ILE A 261 -5.96 3.19 2.29
N PRO A 262 -7.25 3.47 2.51
CA PRO A 262 -7.92 4.48 1.69
C PRO A 262 -7.27 5.86 1.81
N SER A 264 -7.46 9.97 1.46
CA SER A 264 -8.25 11.17 1.34
C SER A 264 -7.50 12.32 1.96
N VAL A 265 -7.75 13.51 1.42
CA VAL A 265 -7.35 14.74 2.08
C VAL A 265 -8.53 15.56 2.57
N THR A 266 -9.72 14.98 2.45
CA THR A 266 -10.94 15.65 2.84
C THR A 266 -11.32 15.22 4.24
N PRO A 267 -11.32 16.18 5.19
CA PRO A 267 -11.55 15.80 6.59
C PRO A 267 -12.79 14.94 6.80
N ALA A 268 -13.91 15.28 6.18
CA ALA A 268 -15.12 14.50 6.36
C ALA A 268 -14.94 13.06 5.90
N ARG A 269 -14.22 12.88 4.80
CA ARG A 269 -14.00 11.53 4.28
C ARG A 269 -12.97 10.75 5.10
N ILE A 270 -11.95 11.45 5.58
CA ILE A 270 -10.95 10.81 6.42
C ILE A 270 -11.67 10.22 7.64
N VAL A 271 -12.55 11.01 8.24
CA VAL A 271 -13.34 10.51 9.36
C VAL A 271 -14.27 9.36 8.95
N GLU A 272 -15.01 9.53 7.86
CA GLU A 272 -15.96 8.53 7.37
C GLU A 272 -15.28 7.18 7.17
N ASN A 273 -14.08 7.24 6.59
CA ASN A 273 -13.35 6.04 6.19
C ASN A 273 -12.88 5.17 7.33
N ILE A 274 -12.85 5.71 8.54
CA ILE A 274 -12.44 4.91 9.69
C ILE A 274 -13.64 4.58 10.58
N GLN A 275 -14.83 5.04 10.18
N GLN A 275 -14.82 5.04 10.18
CA GLN A 275 -16.05 4.69 10.89
CA GLN A 275 -16.03 4.67 10.91
C GLN A 275 -16.58 3.36 10.37
C GLN A 275 -16.58 3.36 10.37
N VAL A 276 -15.76 2.31 10.50
CA VAL A 276 -16.07 1.02 9.91
C VAL A 276 -15.98 -0.13 10.92
N PHE A 277 -16.12 0.20 12.21
CA PHE A 277 -16.01 -0.81 13.26
C PHE A 277 -17.29 -0.93 14.07
N ASP A 278 -18.37 -0.34 13.55
CA ASP A 278 -19.65 -0.37 14.25
C ASP A 278 -20.74 -1.00 13.37
N PHE A 279 -20.32 -1.73 12.34
CA PHE A 279 -21.24 -2.54 11.55
C PHE A 279 -20.51 -3.76 11.01
N LYS A 280 -21.27 -4.75 10.56
CA LYS A 280 -20.72 -5.98 10.04
C LYS A 280 -21.44 -6.36 8.75
N LEU A 281 -20.67 -6.66 7.70
CA LEU A 281 -21.23 -7.23 6.48
C LEU A 281 -21.57 -8.71 6.73
N SER A 282 -22.77 -9.12 6.32
CA SER A 282 -23.21 -10.50 6.54
C SER A 282 -22.39 -11.46 5.69
N ASP A 283 -22.41 -12.75 6.03
CA ASP A 283 -21.72 -13.74 5.21
C ASP A 283 -22.19 -13.65 3.77
N GLU A 284 -23.49 -13.47 3.60
CA GLU A 284 -24.10 -13.37 2.28
C GLU A 284 -23.64 -12.11 1.53
N GLU A 285 -23.54 -11.00 2.26
CA GLU A 285 -23.06 -9.75 1.66
C GLU A 285 -21.61 -9.90 1.22
N MET A 286 -20.80 -10.54 2.06
CA MET A 286 -19.41 -10.79 1.70
C MET A 286 -19.30 -11.64 0.44
N ALA A 287 -20.08 -12.72 0.36
CA ALA A 287 -20.12 -13.57 -0.82
C ALA A 287 -20.54 -12.81 -2.09
N THR A 288 -21.56 -11.96 -1.96
CA THR A 288 -22.01 -11.13 -3.07
C THR A 288 -20.91 -10.19 -3.55
N ILE A 289 -20.27 -9.52 -2.61
CA ILE A 289 -19.17 -8.62 -2.95
C ILE A 289 -18.01 -9.36 -3.64
N LEU A 290 -17.62 -10.50 -3.10
CA LEU A 290 -16.56 -11.31 -3.75
C LEU A 290 -16.92 -11.66 -5.18
N SER A 291 -18.21 -11.82 -5.46
CA SER A 291 -18.66 -12.22 -6.79
C SER A 291 -18.53 -11.13 -7.86
N PHE A 292 -18.18 -9.91 -7.44
CA PHE A 292 -18.05 -8.79 -8.37
C PHE A 292 -16.69 -8.77 -9.08
N ASN A 293 -15.84 -9.73 -8.75
CA ASN A 293 -14.49 -9.75 -9.30
C ASN A 293 -14.45 -9.68 -10.82
N ARG A 294 -13.64 -8.76 -11.34
CA ARG A 294 -13.51 -8.55 -12.78
C ARG A 294 -12.07 -8.73 -13.24
N ASN A 295 -11.18 -9.02 -12.32
CA ASN A 295 -9.77 -8.91 -12.54
C ASN A 295 -9.42 -7.58 -13.14
N TRP A 296 -10.04 -6.53 -12.64
CA TRP A 296 -9.80 -5.19 -13.14
C TRP A 296 -8.84 -4.44 -12.23
N ARG A 297 -7.76 -3.93 -12.85
CA ARG A 297 -6.76 -3.12 -12.15
C ARG A 297 -6.86 -1.66 -12.54
N ALA A 298 -7.02 -0.81 -11.53
CA ALA A 298 -6.86 0.62 -11.73
C ALA A 298 -5.37 0.95 -11.90
N CYS A 299 -4.51 0.10 -11.34
CA CYS A 299 -3.07 0.30 -11.42
C CYS A 299 -2.35 -0.84 -12.12
N ASN A 300 -2.42 -0.88 -13.44
CA ASN A 300 -1.81 -1.99 -14.18
C ASN A 300 -0.38 -1.74 -14.69
N LEU A 301 0.06 -0.49 -14.59
CA LEU A 301 1.43 -0.10 -14.97
C LEU A 301 1.86 -0.73 -16.30
N LEU A 302 0.98 -0.62 -17.30
CA LEU A 302 1.23 -1.24 -18.60
C LEU A 302 2.55 -0.81 -19.23
N GLN A 303 3.05 0.36 -18.82
CA GLN A 303 4.25 0.92 -19.42
C GLN A 303 5.52 0.21 -18.99
N SER A 304 5.38 -0.75 -18.07
CA SER A 304 6.53 -1.55 -17.66
CA SER A 304 6.43 -1.62 -17.48
C SER A 304 6.36 -3.03 -17.99
N SER A 305 5.30 -3.31 -18.76
CA SER A 305 4.89 -4.69 -19.02
C SER A 305 5.94 -5.52 -19.76
N HIS A 306 6.91 -4.84 -20.37
CA HIS A 306 7.99 -5.49 -21.10
C HIS A 306 9.14 -5.89 -20.20
N LEU A 307 9.13 -5.40 -18.97
CA LEU A 307 10.24 -5.65 -18.05
C LEU A 307 10.18 -7.06 -17.44
N GLU A 308 11.34 -7.63 -17.14
CA GLU A 308 11.41 -9.01 -16.68
C GLU A 308 10.55 -9.31 -15.46
N ASP A 309 10.57 -8.41 -14.48
CA ASP A 309 9.85 -8.72 -13.25
C ASP A 309 8.52 -7.98 -13.15
N TYR A 310 7.96 -7.60 -14.29
CA TYR A 310 6.59 -7.09 -14.31
C TYR A 310 5.66 -8.15 -13.68
N PRO A 311 4.91 -7.74 -12.65
CA PRO A 311 4.22 -8.73 -11.81
C PRO A 311 2.89 -9.25 -12.31
N PHE A 312 2.26 -8.56 -13.28
CA PHE A 312 0.86 -8.84 -13.58
C PHE A 312 0.63 -9.78 -14.76
N ASN A 313 1.70 -10.40 -15.26
CA ASN A 313 1.55 -11.45 -16.29
C ASN A 313 1.04 -12.75 -15.68
N ALA A 314 1.49 -13.05 -14.47
CA ALA A 314 1.07 -14.25 -13.76
C ALA A 314 -0.40 -14.21 -13.36
N GLU A 315 -1.00 -15.37 -13.16
CA GLU A 315 -2.40 -15.43 -12.73
C GLU A 315 -2.56 -14.81 -11.37
N TYR A 316 -1.59 -15.07 -10.49
CA TYR A 316 -1.56 -14.49 -9.16
C TYR A 316 -0.14 -14.51 -8.64
#